data_9HLT
#
_entry.id   9HLT
#
_cell.length_a   85.612
_cell.length_b   85.612
_cell.length_c   91.026
_cell.angle_alpha   90.00
_cell.angle_beta   90.00
_cell.angle_gamma   120.00
#
_symmetry.space_group_name_H-M   'P 31 2 1'
#
loop_
_entity.id
_entity.type
_entity.pdbx_description
1 polymer 'Telomeric repeat-binding factor 1'
2 non-polymer GLYCEROL
3 non-polymer '1-(2-methylphenyl)-1,2,3-triazole-4-carboxylic acid'
4 non-polymer 'DIMETHYL SULFOXIDE'
5 water water
#
_entity_poly.entity_id   1
_entity_poly.type   'polypeptide(L)'
_entity_poly.pdbx_seq_one_letter_code
;SNAQVQVGAPEEEEEEEEDAGLVAEAEAVAAGWMLDFLCLSLCRAFRDGRSEDFRRTRNSAEAIIHGLSSLTACQLRTIY
ICQFLTRIAAGKTLDAQFENDERITPLESALMIWGSIEKEHDKLHEEIQNLIKIQAIAVCMENGNFKEAEEVFERIFGDP
NSHMPFKSKLLMIISQKDTFHSFFQHFSYNHMMEKIKSYVNYVLSEKSSTFLMKAAAKVVESKR
;
_entity_poly.pdbx_strand_id   A
#
loop_
_chem_comp.id
_chem_comp.type
_chem_comp.name
_chem_comp.formula
DMS non-polymer 'DIMETHYL SULFOXIDE' 'C2 H6 O S'
GOL non-polymer GLYCEROL 'C3 H8 O3'
UJK non-polymer '1-(2-methylphenyl)-1,2,3-triazole-4-carboxylic acid' 'C10 H9 N3 O2'
#
# COMPACT_ATOMS: atom_id res chain seq x y z
N ASP A 19 -38.90 5.91 6.69
CA ASP A 19 -38.23 4.83 7.42
C ASP A 19 -36.71 4.98 7.34
N ALA A 20 -36.04 5.19 8.48
CA ALA A 20 -34.58 5.37 8.51
C ALA A 20 -33.79 4.05 8.34
N GLY A 21 -34.45 2.91 8.56
CA GLY A 21 -33.99 1.62 8.04
C GLY A 21 -33.74 1.60 6.55
N LEU A 22 -34.69 2.09 5.73
CA LEU A 22 -34.54 2.14 4.28
C LEU A 22 -33.50 3.22 3.88
N VAL A 23 -33.53 4.38 4.56
CA VAL A 23 -32.62 5.47 4.33
C VAL A 23 -31.21 5.06 4.70
N ALA A 24 -31.05 4.39 5.86
CA ALA A 24 -29.77 3.88 6.35
C ALA A 24 -29.18 2.83 5.40
N GLU A 25 -30.04 2.00 4.81
CA GLU A 25 -29.61 0.97 3.85
C GLU A 25 -29.11 1.59 2.55
N ALA A 26 -29.80 2.64 2.05
CA ALA A 26 -29.39 3.36 0.85
C ALA A 26 -28.04 4.04 1.09
N GLU A 27 -27.83 4.58 2.30
CA GLU A 27 -26.56 5.21 2.65
C GLU A 27 -25.42 4.19 2.73
N ALA A 28 -25.71 2.94 3.14
CA ALA A 28 -24.74 1.87 3.20
C ALA A 28 -24.36 1.44 1.76
N VAL A 29 -25.37 1.32 0.85
CA VAL A 29 -25.14 0.99 -0.56
C VAL A 29 -24.26 2.07 -1.20
N ALA A 30 -24.58 3.36 -0.96
CA ALA A 30 -23.82 4.47 -1.51
C ALA A 30 -22.42 4.55 -0.96
N ALA A 31 -22.21 4.23 0.33
CA ALA A 31 -20.88 4.19 0.93
C ALA A 31 -20.02 3.12 0.23
N GLY A 32 -20.60 1.95 -0.03
CA GLY A 32 -19.94 0.85 -0.74
C GLY A 32 -19.48 1.24 -2.13
N TRP A 33 -20.29 2.03 -2.84
CA TRP A 33 -19.97 2.55 -4.17
C TRP A 33 -18.85 3.58 -4.08
N MET A 34 -18.95 4.50 -3.11
CA MET A 34 -17.94 5.51 -2.89
C MET A 34 -16.59 4.88 -2.55
N LEU A 35 -16.59 3.79 -1.76
CA LEU A 35 -15.38 3.07 -1.37
C LEU A 35 -14.65 2.52 -2.58
N ASP A 36 -15.34 1.82 -3.47
CA ASP A 36 -14.74 1.27 -4.69
C ASP A 36 -14.20 2.38 -5.57
N PHE A 37 -14.96 3.49 -5.70
CA PHE A 37 -14.56 4.60 -6.53
C PHE A 37 -13.26 5.21 -5.99
N LEU A 38 -13.18 5.45 -4.69
CA LEU A 38 -12.01 6.03 -4.07
C LEU A 38 -10.80 5.08 -4.11
N CYS A 39 -11.03 3.74 -4.03
CA CYS A 39 -9.94 2.78 -4.13
C CYS A 39 -9.33 2.86 -5.54
N LEU A 40 -10.18 2.85 -6.58
CA LEU A 40 -9.76 2.93 -7.96
C LEU A 40 -9.00 4.25 -8.21
N SER A 41 -9.47 5.35 -7.62
CA SER A 41 -8.82 6.64 -7.74
C SER A 41 -7.43 6.67 -7.03
N LEU A 42 -7.32 5.98 -5.88
CA LEU A 42 -6.10 5.88 -5.09
C LEU A 42 -5.05 5.07 -5.86
N CYS A 43 -5.47 3.97 -6.50
CA CYS A 43 -4.62 3.10 -7.30
C CYS A 43 -4.03 3.88 -8.46
N ARG A 44 -4.87 4.67 -9.15
CA ARG A 44 -4.42 5.45 -10.29
C ARG A 44 -3.42 6.50 -9.87
N ALA A 45 -3.68 7.22 -8.78
CA ALA A 45 -2.79 8.27 -8.27
C ALA A 45 -1.44 7.70 -7.84
N PHE A 46 -1.44 6.48 -7.27
CA PHE A 46 -0.24 5.76 -6.83
C PHE A 46 0.58 5.37 -8.07
N ARG A 47 -0.07 4.81 -9.09
CA ARG A 47 0.61 4.41 -10.32
C ARG A 47 1.17 5.65 -11.03
N ASP A 48 0.39 6.74 -11.10
CA ASP A 48 0.78 7.96 -11.78
C ASP A 48 1.82 8.82 -11.05
N GLY A 49 2.02 8.56 -9.75
CA GLY A 49 2.94 9.37 -8.96
C GLY A 49 2.36 10.71 -8.56
N ARG A 50 1.02 10.84 -8.57
CA ARG A 50 0.38 12.10 -8.19
C ARG A 50 0.18 12.12 -6.67
N SER A 51 1.26 12.49 -5.93
CA SER A 51 1.30 12.52 -4.47
C SER A 51 0.18 13.33 -3.79
N GLU A 52 -0.07 14.57 -4.24
CA GLU A 52 -1.10 15.40 -3.63
C GLU A 52 -2.49 14.84 -3.85
N ASP A 53 -2.74 14.27 -5.04
CA ASP A 53 -4.01 13.65 -5.35
C ASP A 53 -4.20 12.41 -4.51
N PHE A 54 -3.13 11.59 -4.37
CA PHE A 54 -3.13 10.38 -3.57
C PHE A 54 -3.46 10.73 -2.11
N ARG A 55 -2.81 11.77 -1.57
CA ARG A 55 -3.03 12.24 -0.22
C ARG A 55 -4.50 12.66 0.01
N ARG A 56 -5.12 13.35 -0.96
CA ARG A 56 -6.52 13.76 -0.87
C ARG A 56 -7.49 12.59 -0.98
N THR A 57 -7.23 11.66 -1.93
CA THR A 57 -8.07 10.49 -2.13
C THR A 57 -8.03 9.56 -0.91
N ARG A 58 -6.85 9.42 -0.29
CA ARG A 58 -6.61 8.64 0.89
C ARG A 58 -7.44 9.17 2.04
N ASN A 59 -7.43 10.51 2.25
CA ASN A 59 -8.19 11.13 3.32
C ASN A 59 -9.68 10.90 3.11
N SER A 60 -10.15 11.02 1.85
CA SER A 60 -11.54 10.77 1.51
C SER A 60 -11.94 9.31 1.75
N ALA A 61 -11.08 8.35 1.37
CA ALA A 61 -11.36 6.93 1.55
C ALA A 61 -11.43 6.61 3.03
N GLU A 62 -10.49 7.13 3.83
CA GLU A 62 -10.48 6.91 5.26
C GLU A 62 -11.74 7.43 5.93
N ALA A 63 -12.23 8.59 5.51
CA ALA A 63 -13.43 9.17 6.10
C ALA A 63 -14.68 8.33 5.71
N ILE A 64 -14.78 7.94 4.42
CA ILE A 64 -15.92 7.16 3.92
C ILE A 64 -15.98 5.78 4.62
N ILE A 65 -14.81 5.16 4.87
CA ILE A 65 -14.70 3.86 5.53
C ILE A 65 -15.30 3.89 6.96
N HIS A 66 -15.31 5.06 7.62
CA HIS A 66 -15.95 5.24 8.94
C HIS A 66 -17.46 5.10 8.88
N GLY A 67 -18.06 5.43 7.74
CA GLY A 67 -19.50 5.28 7.56
C GLY A 67 -19.95 3.84 7.38
N LEU A 68 -19.01 2.89 7.38
CA LEU A 68 -19.33 1.48 7.25
C LEU A 68 -18.95 0.77 8.56
N SER A 69 -19.84 -0.02 9.13
CA SER A 69 -19.54 -0.78 10.35
C SER A 69 -19.51 -2.30 10.14
N SER A 70 -20.02 -2.76 9.00
CA SER A 70 -20.05 -4.14 8.62
C SER A 70 -19.57 -4.20 7.18
N LEU A 71 -18.51 -4.97 6.92
CA LEU A 71 -17.96 -5.09 5.58
C LEU A 71 -17.99 -6.52 5.06
N THR A 72 -18.26 -6.69 3.77
CA THR A 72 -18.21 -8.02 3.13
C THR A 72 -16.73 -8.41 2.90
N ALA A 73 -16.45 -9.66 2.45
CA ALA A 73 -15.09 -10.11 2.17
C ALA A 73 -14.40 -9.23 1.10
N CYS A 74 -15.18 -8.80 0.08
N CYS A 74 -15.18 -8.80 0.10
CA CYS A 74 -14.67 -7.94 -0.99
CA CYS A 74 -14.66 -7.95 -0.97
C CYS A 74 -14.35 -6.54 -0.46
C CYS A 74 -14.37 -6.55 -0.46
N GLN A 75 -15.20 -6.02 0.44
CA GLN A 75 -14.97 -4.69 1.00
C GLN A 75 -13.76 -4.67 1.93
N LEU A 76 -13.53 -5.77 2.66
CA LEU A 76 -12.36 -5.90 3.53
C LEU A 76 -11.10 -5.87 2.67
N ARG A 77 -11.06 -6.63 1.58
CA ARG A 77 -9.90 -6.62 0.69
C ARG A 77 -9.63 -5.22 0.13
N THR A 78 -10.70 -4.46 -0.18
CA THR A 78 -10.60 -3.09 -0.69
C THR A 78 -9.97 -2.14 0.34
N ILE A 79 -10.45 -2.14 1.59
CA ILE A 79 -9.88 -1.26 2.60
C ILE A 79 -8.42 -1.61 2.89
N TYR A 80 -8.06 -2.90 2.86
CA TYR A 80 -6.69 -3.31 3.16
C TYR A 80 -5.70 -2.96 2.03
N ILE A 81 -6.16 -2.93 0.76
CA ILE A 81 -5.33 -2.47 -0.36
C ILE A 81 -5.11 -0.96 -0.15
N CYS A 82 -6.17 -0.22 0.26
CA CYS A 82 -6.07 1.22 0.53
C CYS A 82 -5.05 1.48 1.66
N GLN A 83 -5.11 0.69 2.76
CA GLN A 83 -4.21 0.78 3.91
C GLN A 83 -2.76 0.43 3.49
N PHE A 84 -2.59 -0.64 2.70
CA PHE A 84 -1.28 -1.08 2.23
C PHE A 84 -0.62 0.01 1.37
N LEU A 85 -1.35 0.57 0.40
CA LEU A 85 -0.78 1.59 -0.47
C LEU A 85 -0.43 2.88 0.29
N THR A 86 -1.22 3.20 1.32
CA THR A 86 -1.02 4.36 2.20
C THR A 86 0.32 4.23 2.96
N ARG A 87 0.63 3.01 3.43
CA ARG A 87 1.87 2.73 4.14
C ARG A 87 3.06 2.70 3.20
N ILE A 88 2.88 2.15 1.99
CA ILE A 88 3.94 2.15 0.99
C ILE A 88 4.30 3.58 0.60
N ALA A 89 3.28 4.44 0.40
CA ALA A 89 3.50 5.84 0.01
C ALA A 89 4.21 6.62 1.10
N ALA A 90 4.01 6.27 2.38
CA ALA A 90 4.69 6.92 3.50
C ALA A 90 6.05 6.25 3.85
N GLY A 91 6.55 5.36 3.00
CA GLY A 91 7.76 4.60 3.26
C GLY A 91 9.00 5.39 3.66
N LYS A 92 9.20 6.57 3.04
CA LYS A 92 10.37 7.41 3.34
C LYS A 92 10.07 8.59 4.30
N THR A 93 8.86 8.67 4.87
CA THR A 93 8.49 9.74 5.77
C THR A 93 8.85 9.42 7.24
N GLN A 97 4.65 10.16 15.56
CA GLN A 97 3.22 9.93 15.89
C GLN A 97 2.87 8.47 15.58
N PHE A 98 3.04 8.05 14.33
CA PHE A 98 2.76 6.65 13.93
C PHE A 98 3.74 5.73 14.64
N GLU A 99 5.02 6.14 14.66
CA GLU A 99 6.07 5.30 15.28
C GLU A 99 5.84 5.28 16.80
N ASN A 100 5.21 6.32 17.34
CA ASN A 100 4.88 6.35 18.79
C ASN A 100 3.74 5.38 19.05
N ASP A 101 2.78 5.27 18.12
CA ASP A 101 1.58 4.41 18.33
C ASP A 101 1.88 2.95 17.99
N GLU A 102 2.43 2.68 16.81
CA GLU A 102 2.64 1.28 16.37
C GLU A 102 4.05 0.78 16.75
N ARG A 103 4.96 1.70 17.08
CA ARG A 103 6.35 1.32 17.50
C ARG A 103 7.06 0.62 16.33
N ILE A 104 6.63 0.88 15.10
CA ILE A 104 7.28 0.28 13.89
C ILE A 104 7.35 1.36 12.80
N THR A 105 8.00 1.04 11.68
CA THR A 105 8.11 1.99 10.56
C THR A 105 6.98 1.73 9.58
N PRO A 106 6.62 2.68 8.70
CA PRO A 106 5.49 2.53 7.75
C PRO A 106 5.64 1.27 6.90
N LEU A 107 6.85 0.96 6.44
CA LEU A 107 7.04 -0.22 5.55
C LEU A 107 6.81 -1.52 6.34
N GLU A 108 7.19 -1.54 7.61
CA GLU A 108 6.92 -2.73 8.47
C GLU A 108 5.40 -2.93 8.58
N SER A 109 4.64 -1.84 8.70
CA SER A 109 3.16 -1.92 8.76
C SER A 109 2.61 -2.46 7.44
N ALA A 110 3.12 -1.96 6.31
CA ALA A 110 2.69 -2.44 4.99
C ALA A 110 2.97 -3.94 4.89
N LEU A 111 4.12 -4.37 5.43
CA LEU A 111 4.48 -5.81 5.41
C LEU A 111 3.44 -6.60 6.20
N MET A 112 2.97 -6.07 7.33
CA MET A 112 1.98 -6.78 8.12
C MET A 112 0.65 -6.82 7.38
N ILE A 113 0.29 -5.75 6.67
CA ILE A 113 -0.97 -5.71 5.93
C ILE A 113 -0.89 -6.67 4.75
N TRP A 114 0.22 -6.64 4.02
CA TRP A 114 0.48 -7.49 2.86
C TRP A 114 0.42 -8.98 3.18
N GLY A 115 0.88 -9.34 4.37
CA GLY A 115 0.88 -10.72 4.85
C GLY A 115 -0.51 -11.35 4.96
N SER A 116 -1.58 -10.54 4.82
CA SER A 116 -2.93 -11.08 4.88
C SER A 116 -3.78 -10.74 3.64
N ILE A 117 -3.19 -10.15 2.59
CA ILE A 117 -3.92 -9.84 1.36
C ILE A 117 -3.17 -10.33 0.10
N GLU A 118 -3.91 -10.53 -1.01
CA GLU A 118 -3.38 -10.95 -2.31
C GLU A 118 -2.37 -12.09 -2.22
N LYS A 119 -2.72 -13.16 -1.49
CA LYS A 119 -1.83 -14.31 -1.30
C LYS A 119 -1.86 -15.31 -2.44
N GLU A 120 -3.04 -15.49 -3.08
CA GLU A 120 -3.27 -16.44 -4.18
C GLU A 120 -2.35 -16.30 -5.43
N HIS A 121 -1.83 -15.09 -5.74
CA HIS A 121 -0.68 -14.96 -6.64
C HIS A 121 0.62 -15.05 -5.85
N ASP A 122 0.97 -16.27 -5.38
CA ASP A 122 2.13 -16.55 -4.52
C ASP A 122 3.46 -15.99 -5.04
N LYS A 123 3.78 -16.20 -6.34
CA LYS A 123 5.02 -15.71 -6.97
C LYS A 123 5.21 -14.20 -6.74
N LEU A 124 4.28 -13.37 -7.25
CA LEU A 124 4.36 -11.92 -7.09
C LEU A 124 4.23 -11.50 -5.63
N HIS A 125 3.46 -12.24 -4.82
CA HIS A 125 3.30 -11.94 -3.39
C HIS A 125 4.64 -12.04 -2.65
N GLU A 126 5.38 -13.12 -2.88
CA GLU A 126 6.68 -13.35 -2.27
C GLU A 126 7.68 -12.27 -2.74
N GLU A 127 7.66 -11.92 -4.04
CA GLU A 127 8.53 -10.88 -4.60
C GLU A 127 8.31 -9.54 -3.91
N ILE A 128 7.06 -9.09 -3.82
CA ILE A 128 6.72 -7.83 -3.15
C ILE A 128 7.07 -7.90 -1.65
N GLN A 129 6.78 -9.03 -1.00
CA GLN A 129 7.11 -9.19 0.43
C GLN A 129 8.60 -8.97 0.71
N ASN A 130 9.46 -9.63 -0.07
CA ASN A 130 10.90 -9.58 0.09
C ASN A 130 11.51 -8.22 -0.24
N LEU A 131 10.97 -7.53 -1.27
CA LEU A 131 11.42 -6.19 -1.60
C LEU A 131 11.09 -5.23 -0.46
N ILE A 132 9.88 -5.36 0.16
CA ILE A 132 9.50 -4.49 1.28
C ILE A 132 10.38 -4.78 2.51
N LYS A 133 10.69 -6.05 2.81
CA LYS A 133 11.53 -6.44 3.95
C LYS A 133 12.90 -5.77 3.85
N ILE A 134 13.54 -5.80 2.67
CA ILE A 134 14.84 -5.20 2.48
C ILE A 134 14.74 -3.67 2.52
N GLN A 135 13.75 -3.08 1.82
CA GLN A 135 13.57 -1.64 1.81
C GLN A 135 13.20 -1.04 3.17
N ALA A 136 12.51 -1.78 4.06
CA ALA A 136 12.22 -1.29 5.41
C ALA A 136 13.55 -0.95 6.15
N ILE A 137 14.61 -1.73 5.88
CA ILE A 137 15.95 -1.51 6.39
C ILE A 137 16.65 -0.39 5.57
N ALA A 138 16.72 -0.51 4.22
CA ALA A 138 17.42 0.47 3.36
C ALA A 138 16.90 1.91 3.45
N VAL A 139 15.60 2.15 3.67
CA VAL A 139 15.12 3.55 3.75
C VAL A 139 15.67 4.25 5.03
N CYS A 140 15.94 3.49 6.12
CA CYS A 140 16.53 4.00 7.35
C CYS A 140 18.00 4.36 7.08
N MET A 141 18.73 3.50 6.36
CA MET A 141 20.10 3.78 5.96
C MET A 141 20.17 4.99 5.05
N GLU A 142 19.20 5.11 4.13
CA GLU A 142 19.15 6.24 3.19
CA GLU A 142 19.15 6.24 3.18
C GLU A 142 18.99 7.57 3.95
N ASN A 143 18.22 7.54 5.05
CA ASN A 143 17.98 8.69 5.90
C ASN A 143 19.04 8.95 6.97
N GLY A 144 20.09 8.15 7.01
CA GLY A 144 21.18 8.31 7.96
C GLY A 144 20.94 7.73 9.35
N ASN A 145 19.88 6.94 9.52
CA ASN A 145 19.55 6.35 10.82
C ASN A 145 19.88 4.87 10.84
N PHE A 146 21.13 4.56 11.10
CA PHE A 146 21.63 3.20 11.11
C PHE A 146 21.23 2.44 12.38
N LYS A 147 21.03 3.14 13.51
CA LYS A 147 20.54 2.51 14.72
C LYS A 147 19.12 1.98 14.45
N GLU A 148 18.30 2.79 13.78
CA GLU A 148 16.93 2.42 13.44
C GLU A 148 16.94 1.30 12.43
N ALA A 149 17.84 1.35 11.43
CA ALA A 149 17.99 0.27 10.44
C ALA A 149 18.23 -1.09 11.12
N GLU A 150 19.08 -1.11 12.15
CA GLU A 150 19.33 -2.32 12.92
C GLU A 150 18.11 -2.77 13.76
N GLU A 151 17.35 -1.81 14.32
CA GLU A 151 16.12 -2.13 15.07
C GLU A 151 15.04 -2.74 14.14
N VAL A 152 14.95 -2.23 12.89
CA VAL A 152 14.03 -2.74 11.89
C VAL A 152 14.44 -4.17 11.54
N PHE A 153 15.75 -4.40 11.30
CA PHE A 153 16.27 -5.74 11.00
C PHE A 153 15.92 -6.73 12.11
N GLU A 154 16.10 -6.34 13.38
CA GLU A 154 15.81 -7.24 14.49
C GLU A 154 14.33 -7.60 14.59
N ARG A 155 13.42 -6.67 14.27
CA ARG A 155 11.98 -6.96 14.32
C ARG A 155 11.55 -7.86 13.14
N ILE A 156 12.11 -7.66 11.93
CA ILE A 156 11.77 -8.47 10.74
C ILE A 156 12.46 -9.83 10.72
N PHE A 157 13.77 -9.87 11.00
CA PHE A 157 14.60 -11.07 10.95
C PHE A 157 15.15 -11.52 12.32
N GLY A 158 14.42 -11.26 13.39
N PRO A 165 23.57 -16.63 8.62
CA PRO A 165 24.39 -16.60 7.39
C PRO A 165 23.88 -15.52 6.45
N PHE A 166 22.59 -15.57 6.08
CA PHE A 166 21.98 -14.49 5.29
C PHE A 166 21.82 -13.25 6.22
N LYS A 167 21.40 -13.49 7.47
CA LYS A 167 21.22 -12.47 8.49
C LYS A 167 22.56 -11.82 8.86
N SER A 168 23.64 -12.62 8.92
N SER A 168 23.64 -12.62 8.91
CA SER A 168 24.97 -12.09 9.26
CA SER A 168 24.97 -12.13 9.24
C SER A 168 25.50 -11.16 8.15
C SER A 168 25.50 -11.18 8.16
N LYS A 169 25.17 -11.45 6.89
CA LYS A 169 25.56 -10.61 5.76
C LYS A 169 24.77 -9.31 5.79
N LEU A 170 23.45 -9.39 6.08
CA LEU A 170 22.60 -8.22 6.16
C LEU A 170 23.04 -7.34 7.35
N LEU A 171 23.35 -7.95 8.51
CA LEU A 171 23.83 -7.22 9.69
C LEU A 171 25.18 -6.54 9.41
N MET A 172 26.11 -7.22 8.70
CA MET A 172 27.41 -6.60 8.40
CA MET A 172 27.42 -6.62 8.37
C MET A 172 27.22 -5.38 7.50
N ILE A 173 26.33 -5.46 6.49
CA ILE A 173 26.00 -4.35 5.58
C ILE A 173 25.51 -3.14 6.40
N ILE A 174 24.58 -3.35 7.36
CA ILE A 174 24.07 -2.28 8.19
C ILE A 174 25.20 -1.70 9.04
N SER A 175 25.99 -2.58 9.72
CA SER A 175 27.11 -2.19 10.59
C SER A 175 28.13 -1.32 9.84
N GLN A 176 28.45 -1.70 8.63
CA GLN A 176 29.43 -0.95 7.83
C GLN A 176 28.82 0.19 7.00
N LYS A 177 27.53 0.50 7.18
CA LYS A 177 26.84 1.58 6.45
C LYS A 177 27.01 1.41 4.92
N ASP A 178 26.96 0.15 4.48
CA ASP A 178 27.12 -0.22 3.08
C ASP A 178 25.83 -0.07 2.30
N THR A 179 25.33 1.16 2.24
CA THR A 179 24.06 1.48 1.60
C THR A 179 23.97 1.08 0.14
N PHE A 180 25.09 1.19 -0.60
CA PHE A 180 25.10 0.89 -2.03
C PHE A 180 25.71 -0.48 -2.34
N HIS A 181 25.58 -1.43 -1.41
CA HIS A 181 25.99 -2.83 -1.60
C HIS A 181 25.17 -3.39 -2.77
N SER A 182 25.78 -4.26 -3.60
CA SER A 182 25.11 -4.85 -4.76
C SER A 182 23.77 -5.50 -4.40
N PHE A 183 23.64 -6.08 -3.21
CA PHE A 183 22.39 -6.72 -2.73
C PHE A 183 21.27 -5.72 -2.72
N PHE A 184 21.56 -4.48 -2.26
CA PHE A 184 20.63 -3.38 -2.18
C PHE A 184 20.23 -2.80 -3.52
N GLN A 185 21.01 -3.05 -4.55
CA GLN A 185 20.71 -2.56 -5.88
C GLN A 185 19.77 -3.54 -6.59
N HIS A 186 19.84 -4.84 -6.31
CA HIS A 186 18.87 -5.80 -6.85
C HIS A 186 17.54 -5.57 -6.03
N PHE A 187 17.64 -5.51 -4.70
CA PHE A 187 16.46 -5.29 -3.85
C PHE A 187 16.31 -3.79 -3.59
N SER A 188 16.08 -3.03 -4.64
CA SER A 188 16.01 -1.59 -4.59
C SER A 188 14.62 -1.00 -4.32
N TYR A 189 14.58 0.31 -4.05
CA TYR A 189 13.34 1.00 -3.82
C TYR A 189 12.55 1.06 -5.11
N ASN A 190 13.23 1.39 -6.23
CA ASN A 190 12.61 1.43 -7.54
C ASN A 190 12.05 0.08 -7.93
N HIS A 191 12.76 -1.01 -7.64
CA HIS A 191 12.27 -2.35 -7.96
C HIS A 191 11.05 -2.68 -7.12
N MET A 192 11.03 -2.26 -5.85
CA MET A 192 9.89 -2.46 -4.97
C MET A 192 8.68 -1.69 -5.53
N MET A 193 8.88 -0.43 -5.89
CA MET A 193 7.80 0.38 -6.47
C MET A 193 7.28 -0.21 -7.78
N GLU A 194 8.17 -0.68 -8.66
CA GLU A 194 7.77 -1.30 -9.93
C GLU A 194 6.88 -2.54 -9.73
N LYS A 195 7.27 -3.47 -8.84
CA LYS A 195 6.49 -4.67 -8.58
C LYS A 195 5.15 -4.33 -7.96
N ILE A 196 5.11 -3.35 -7.06
CA ILE A 196 3.85 -2.93 -6.44
C ILE A 196 2.95 -2.26 -7.48
N LYS A 197 3.51 -1.46 -8.39
CA LYS A 197 2.74 -0.82 -9.46
C LYS A 197 2.15 -1.85 -10.41
N SER A 198 2.86 -2.96 -10.68
N SER A 198 2.86 -2.96 -10.68
CA SER A 198 2.32 -4.02 -11.52
CA SER A 198 2.31 -4.02 -11.53
C SER A 198 1.13 -4.70 -10.82
C SER A 198 1.12 -4.71 -10.82
N TYR A 199 1.19 -4.86 -9.49
CA TYR A 199 0.09 -5.44 -8.74
C TYR A 199 -1.10 -4.44 -8.79
N VAL A 200 -0.82 -3.13 -8.62
CA VAL A 200 -1.82 -2.05 -8.65
C VAL A 200 -2.60 -2.05 -9.97
N ASN A 201 -1.93 -2.42 -11.09
CA ASN A 201 -2.56 -2.50 -12.39
C ASN A 201 -3.64 -3.58 -12.45
N TYR A 202 -3.48 -4.68 -11.67
CA TYR A 202 -4.48 -5.74 -11.62
C TYR A 202 -5.72 -5.24 -10.84
N VAL A 203 -5.48 -4.53 -9.72
CA VAL A 203 -6.55 -3.96 -8.91
C VAL A 203 -7.31 -2.88 -9.70
N LEU A 204 -6.58 -2.02 -10.43
CA LEU A 204 -7.14 -0.95 -11.27
C LEU A 204 -8.00 -1.55 -12.39
N SER A 205 -7.57 -2.67 -12.99
N SER A 205 -7.57 -2.67 -12.99
CA SER A 205 -8.34 -3.30 -14.05
CA SER A 205 -8.34 -3.30 -14.06
C SER A 205 -9.59 -3.98 -13.48
C SER A 205 -9.58 -4.02 -13.50
N GLU A 206 -9.45 -4.64 -12.32
CA GLU A 206 -10.54 -5.35 -11.67
C GLU A 206 -11.66 -4.41 -11.21
N LYS A 207 -11.30 -3.18 -10.80
CA LYS A 207 -12.26 -2.20 -10.29
C LYS A 207 -12.69 -1.13 -11.30
N SER A 208 -12.10 -1.13 -12.52
N SER A 208 -12.10 -1.12 -12.52
CA SER A 208 -12.44 -0.14 -13.56
CA SER A 208 -12.46 -0.11 -13.51
C SER A 208 -13.91 -0.15 -13.96
C SER A 208 -13.93 -0.14 -13.94
N SER A 209 -14.62 -1.26 -13.71
CA SER A 209 -16.03 -1.40 -14.06
C SER A 209 -17.00 -1.16 -12.90
N THR A 210 -16.54 -0.60 -11.77
CA THR A 210 -17.44 -0.34 -10.64
C THR A 210 -18.47 0.75 -11.00
N PHE A 211 -19.64 0.71 -10.33
CA PHE A 211 -20.79 1.57 -10.59
C PHE A 211 -20.49 3.06 -10.79
N LEU A 212 -19.88 3.72 -9.82
CA LEU A 212 -19.65 5.15 -9.86
C LEU A 212 -18.71 5.61 -10.97
N MET A 213 -17.69 4.80 -11.30
CA MET A 213 -16.75 5.14 -12.36
C MET A 213 -17.40 5.01 -13.72
N LYS A 214 -18.19 3.94 -13.92
CA LYS A 214 -18.86 3.74 -15.20
C LYS A 214 -19.89 4.85 -15.43
N ALA A 215 -20.66 5.22 -14.40
CA ALA A 215 -21.65 6.28 -14.53
C ALA A 215 -20.97 7.64 -14.75
N ALA A 216 -19.83 7.88 -14.08
CA ALA A 216 -19.09 9.12 -14.23
C ALA A 216 -18.53 9.24 -15.66
N ALA A 217 -17.94 8.16 -16.19
CA ALA A 217 -17.39 8.15 -17.55
C ALA A 217 -18.47 8.34 -18.63
N LYS A 218 -19.69 7.82 -18.40
CA LYS A 218 -20.80 7.96 -19.35
C LYS A 218 -21.22 9.41 -19.51
N VAL A 219 -21.20 10.17 -18.40
CA VAL A 219 -21.57 11.60 -18.40
C VAL A 219 -20.50 12.42 -19.14
N VAL A 220 -19.22 12.09 -18.92
CA VAL A 220 -18.11 12.78 -19.56
C VAL A 220 -18.08 12.50 -21.07
N GLU A 221 -18.30 11.23 -21.47
CA GLU A 221 -18.30 10.84 -22.89
C GLU A 221 -19.49 11.43 -23.64
N SER A 222 -20.62 11.66 -22.96
CA SER A 222 -21.80 12.25 -23.58
C SER A 222 -21.58 13.74 -23.90
N LYS A 223 -20.80 14.43 -23.05
CA LYS A 223 -20.51 15.85 -23.29
C LYS A 223 -19.38 16.07 -24.32
N ARG A 224 -18.55 15.04 -24.58
CA ARG A 224 -17.45 15.13 -25.54
C1 GOL B . 2.01 8.76 -4.09
O1 GOL B . 2.36 9.52 -2.94
C2 GOL B . 3.23 8.07 -4.67
O2 GOL B . 3.86 7.25 -3.68
C3 GOL B . 2.88 7.23 -5.88
O3 GOL B . 3.93 6.33 -6.20
N1 UJK C . -5.82 4.91 8.63
N3 UJK C . -5.29 6.11 8.95
C4 UJK C . -3.15 1.90 7.40
C5 UJK C . -3.20 3.10 6.73
C6 UJK C . -4.09 4.09 7.13
C7 UJK C . -4.97 3.85 8.18
C8 UJK C . -7.17 4.95 8.75
C10 UJK C . -8.71 6.92 9.49
C1 UJK C . -5.82 2.36 10.05
C2 UJK C . -4.91 2.65 8.88
C3 UJK C . -4.00 1.68 8.47
C9 UJK C . -7.45 6.23 9.15
N2 UJK C . -6.28 6.90 9.27
O1 UJK C . -8.66 8.12 9.65
O2 UJK C . -9.72 6.25 9.59
N1 UJK D . 13.50 -13.48 2.59
N3 UJK D . 13.49 -13.12 3.90
C4 UJK D . 16.37 -12.12 -0.16
C5 UJK D . 16.17 -13.47 0.03
C6 UJK D . 15.22 -13.91 0.93
C7 UJK D . 14.51 -13.01 1.69
C8 UJK D . 12.57 -14.43 2.38
C10 UJK D . 10.74 -15.43 3.93
C1 UJK D . 13.89 -10.60 2.25
C2 UJK D . 14.68 -11.63 1.49
C3 UJK D . 15.62 -11.21 0.56
C9 UJK D . 11.90 -14.56 3.57
N2 UJK D . 12.49 -13.74 4.47
O1 UJK D . 10.33 -15.36 5.07
O2 UJK D . 10.27 -16.14 3.06
S DMS E . 11.96 5.79 8.22
O DMS E . 11.14 6.18 9.43
C1 DMS E . 11.46 6.89 6.91
C2 DMS E . 13.61 6.54 8.39
#